data_2EVH
#
_entry.id   2EVH
#
_cell.length_a   69.534
_cell.length_b   78.441
_cell.length_c   161.334
_cell.angle_alpha   90.00
_cell.angle_beta   90.00
_cell.angle_gamma   90.00
#
_symmetry.space_group_name_H-M   'C 2 2 21'
#
loop_
_entity.id
_entity.type
_entity.pdbx_description
1 polymer "5'-D(*TP*GP*CP*GP*AP*CP*AP*CP*AP*GP*AP*AP*AP*C)-3'"
2 polymer "5'-D(*AP*GP*TP*TP*TP*CP*TP*GP*TP*GP*TP*CP*GP*C)-3'"
3 polymer 'NDT80 protein'
4 water water
#
loop_
_entity_poly.entity_id
_entity_poly.type
_entity_poly.pdbx_seq_one_letter_code
_entity_poly.pdbx_strand_id
1 'polydeoxyribonucleotide' (DT)(DG)(DC)(DG)(DA)(DC)(DA)(DC)(DA)(DG)(DA)(DA)(DA)(DC) B
2 'polydeoxyribonucleotide' (DA)(DG)(DT)(DT)(DT)(DC)(DT)(DG)(DT)(DG)(DT)(DC)(DG)(DC) C
3 'polypeptide(L)'
;GPLGSMNEMENTDPVLQDDLVSKYERELSTEQEEDTPVILTQLNEDGTTSNYFDKRKLKIAPRSTLQFKVGPPFELVRDY
CPVVESHTGRTLDLRIIPRIDRGFDHIDEEWVGYKRNYFTLVSTFETANCDLDTFLKSSFDLLVEDSSVEGRLRVQYFAI
KIKAKNDDDDTEINLVQHTAKRDKGPQFCPSVCPLVPSPLPKHQTIREASNVRNITKMKKYDSTFYLHRDHVNYEEYGVD
SLLFSYPEDSIQKVARYERVQFASSISVKKPSQQNKHFSLHVILGAVVDPDTFHGENPGIPYDELALKNGSKGMFVYLQE
MKTPPLIIRGRSPSNYASSQRITVR
;
A
#
loop_
_chem_comp.id
_chem_comp.type
_chem_comp.name
_chem_comp.formula
DA DNA linking 2'-DEOXYADENOSINE-5'-MONOPHOSPHATE 'C10 H14 N5 O6 P'
DC DNA linking 2'-DEOXYCYTIDINE-5'-MONOPHOSPHATE 'C9 H14 N3 O7 P'
DG DNA linking 2'-DEOXYGUANOSINE-5'-MONOPHOSPHATE 'C10 H14 N5 O7 P'
DT DNA linking THYMIDINE-5'-MONOPHOSPHATE 'C10 H15 N2 O8 P'
#
# COMPACT_ATOMS: atom_id res chain seq x y z
N VAL C 38 -25.82 12.28 -10.41
CA VAL C 38 -24.87 11.86 -11.49
C VAL C 38 -23.41 11.90 -10.98
N ILE C 39 -22.96 13.06 -10.51
CA ILE C 39 -21.66 13.17 -9.81
C ILE C 39 -21.92 13.57 -8.38
N LEU C 40 -21.51 12.73 -7.43
CA LEU C 40 -21.60 13.08 -6.00
C LEU C 40 -20.21 13.47 -5.50
N THR C 41 -20.12 14.62 -4.85
CA THR C 41 -18.84 15.19 -4.50
C THR C 41 -18.66 15.21 -3.00
N GLN C 42 -17.51 14.71 -2.55
CA GLN C 42 -17.08 14.81 -1.14
C GLN C 42 -15.76 15.58 -1.06
N LEU C 43 -15.66 16.45 -0.06
CA LEU C 43 -14.45 17.22 0.17
C LEU C 43 -13.43 16.34 0.87
N ASN C 44 -12.20 16.29 0.34
CA ASN C 44 -11.14 15.50 0.95
C ASN C 44 -10.50 16.26 2.11
N GLU C 45 -9.63 15.58 2.85
CA GLU C 45 -8.96 16.18 4.00
C GLU C 45 -8.13 17.41 3.62
N ASP C 46 -7.51 17.38 2.44
CA ASP C 46 -6.64 18.46 1.96
C ASP C 46 -7.35 19.51 1.08
N GLY C 47 -8.67 19.40 0.94
CA GLY C 47 -9.43 20.37 0.16
C GLY C 47 -9.66 20.02 -1.31
N THR C 48 -9.02 18.98 -1.81
CA THR C 48 -9.40 18.45 -3.12
C THR C 48 -10.73 17.77 -2.94
N THR C 49 -11.35 17.35 -4.05
CA THR C 49 -12.59 16.62 -3.98
C THR C 49 -12.46 15.23 -4.55
N SER C 50 -13.29 14.36 -4.03
CA SER C 50 -13.57 13.08 -4.64
C SER C 50 -14.93 13.21 -5.27
N ASN C 51 -15.01 12.80 -6.52
CA ASN C 51 -16.21 12.91 -7.32
C ASN C 51 -16.60 11.52 -7.78
N TYR C 52 -17.65 11.00 -7.17
CA TYR C 52 -18.08 9.65 -7.41
C TYR C 52 -19.11 9.62 -8.50
N PHE C 53 -18.85 8.82 -9.52
CA PHE C 53 -19.80 8.61 -10.60
C PHE C 53 -19.80 7.16 -11.04
N ASP C 54 -20.93 6.76 -11.63
CA ASP C 54 -21.17 5.41 -12.06
C ASP C 54 -20.84 5.37 -13.54
N LYS C 55 -19.77 4.64 -13.89
CA LYS C 55 -19.33 4.53 -15.28
C LYS C 55 -20.34 3.80 -16.18
N ARG C 56 -21.36 3.16 -15.59
CA ARG C 56 -22.49 2.65 -16.35
C ARG C 56 -23.35 3.77 -16.93
N LYS C 57 -23.27 4.95 -16.31
CA LYS C 57 -24.12 6.08 -16.66
C LYS C 57 -23.37 7.28 -17.24
N LEU C 58 -22.07 7.39 -16.96
CA LEU C 58 -21.28 8.56 -17.32
C LEU C 58 -19.86 8.16 -17.70
N LYS C 59 -19.45 8.54 -18.91
CA LYS C 59 -18.10 8.31 -19.41
C LYS C 59 -17.31 9.60 -19.30
N ILE C 60 -16.20 9.53 -18.58
CA ILE C 60 -15.29 10.65 -18.33
C ILE C 60 -13.95 10.30 -18.94
N ALA C 61 -13.24 11.30 -19.46
CA ALA C 61 -11.93 11.12 -20.08
C ALA C 61 -10.94 10.37 -19.16
N PRO C 62 -10.10 9.52 -19.75
CA PRO C 62 -9.12 8.74 -18.95
C PRO C 62 -8.24 9.54 -17.98
N ARG C 63 -7.82 10.74 -18.36
CA ARG C 63 -6.88 11.52 -17.56
C ARG C 63 -7.55 12.69 -16.82
N SER C 64 -8.87 12.72 -16.83
CA SER C 64 -9.62 13.71 -16.07
C SER C 64 -9.26 13.57 -14.60
N THR C 65 -9.10 14.71 -13.92
CA THR C 65 -8.90 14.70 -12.46
C THR C 65 -10.06 14.03 -11.73
N LEU C 66 -11.22 13.94 -12.38
CA LEU C 66 -12.36 13.21 -11.82
C LEU C 66 -12.13 11.71 -11.63
N GLN C 67 -11.07 11.16 -12.25
CA GLN C 67 -10.74 9.75 -12.09
C GLN C 67 -9.95 9.54 -10.79
N PHE C 68 -9.40 10.63 -10.24
CA PHE C 68 -8.74 10.58 -8.95
C PHE C 68 -9.78 10.82 -7.85
N LYS C 69 -9.83 9.91 -6.88
CA LYS C 69 -10.71 10.07 -5.75
C LYS C 69 -10.27 9.14 -4.62
N VAL C 70 -10.60 9.54 -3.39
CA VAL C 70 -10.32 8.73 -2.22
C VAL C 70 -11.30 7.54 -2.17
N GLY C 71 -10.75 6.37 -1.90
CA GLY C 71 -11.50 5.12 -1.91
C GLY C 71 -12.00 4.85 -0.50
N PRO C 72 -12.36 3.60 -0.24
CA PRO C 72 -12.93 3.26 1.05
C PRO C 72 -11.92 3.40 2.19
N PRO C 73 -12.39 3.69 3.40
CA PRO C 73 -11.50 3.77 4.55
C PRO C 73 -11.03 2.36 4.94
N PHE C 74 -9.88 2.26 5.56
CA PHE C 74 -9.37 0.97 5.99
C PHE C 74 -9.69 0.80 7.46
N GLU C 75 -9.80 -0.44 7.89
CA GLU C 75 -10.07 -0.77 9.28
C GLU C 75 -9.03 -1.79 9.77
N LEU C 76 -8.74 -1.76 11.07
CA LEU C 76 -7.83 -2.71 11.68
C LEU C 76 -8.42 -4.11 11.59
N VAL C 77 -7.60 -5.06 11.12
CA VAL C 77 -7.93 -6.47 11.18
C VAL C 77 -7.40 -6.99 12.49
N ARG C 78 -6.07 -6.97 12.67
CA ARG C 78 -5.47 -7.19 13.97
C ARG C 78 -4.02 -6.77 14.09
N ASP C 79 -3.57 -6.76 15.33
CA ASP C 79 -2.18 -6.62 15.68
C ASP C 79 -1.61 -8.01 15.93
N TYR C 80 -0.37 -8.22 15.55
CA TYR C 80 0.27 -9.52 15.66
C TYR C 80 1.48 -9.45 16.60
N CYS C 81 2.68 -9.50 16.07
CA CYS C 81 3.85 -9.63 16.92
C CYS C 81 4.27 -8.28 17.54
N PRO C 82 4.42 -8.22 18.86
CA PRO C 82 5.00 -7.03 19.50
C PRO C 82 6.47 -6.78 19.09
N VAL C 83 6.83 -5.51 19.01
CA VAL C 83 8.21 -5.09 18.73
C VAL C 83 8.70 -4.24 19.89
N VAL C 84 9.91 -4.50 20.36
CA VAL C 84 10.50 -3.73 21.45
C VAL C 84 11.90 -3.19 21.09
N GLU C 85 12.21 -2.00 21.58
CA GLU C 85 13.52 -1.41 21.41
C GLU C 85 14.53 -2.19 22.24
N SER C 86 15.71 -2.40 21.67
CA SER C 86 16.76 -3.29 22.22
C SER C 86 17.16 -3.16 23.68
N HIS C 87 17.42 -1.95 24.16
CA HIS C 87 17.85 -1.78 25.56
C HIS C 87 16.77 -1.33 26.51
N THR C 88 16.01 -0.31 26.11
CA THR C 88 14.90 0.20 26.91
C THR C 88 13.85 -0.89 27.12
N GLY C 89 13.63 -1.71 26.11
CA GLY C 89 12.61 -2.75 26.16
C GLY C 89 11.20 -2.17 25.96
N ARG C 90 11.15 -0.88 25.66
CA ARG C 90 9.89 -0.17 25.45
C ARG C 90 9.20 -0.67 24.17
N THR C 91 7.91 -0.93 24.27
CA THR C 91 7.11 -1.42 23.16
C THR C 91 6.88 -0.33 22.13
N LEU C 92 7.19 -0.65 20.88
CA LEU C 92 6.97 0.24 19.76
C LEU C 92 5.50 0.15 19.35
N ASP C 93 4.74 1.22 19.50
CA ASP C 93 3.36 1.19 19.03
C ASP C 93 3.26 1.66 17.58
N LEU C 94 2.62 0.85 16.75
CA LEU C 94 2.69 0.99 15.31
C LEU C 94 1.29 1.23 14.75
N ARG C 95 1.22 1.94 13.63
CA ARG C 95 -0.06 2.22 12.97
C ARG C 95 0.14 2.35 11.47
N ILE C 96 -0.51 1.49 10.72
CA ILE C 96 -0.57 1.61 9.26
C ILE C 96 -1.43 2.81 8.91
N ILE C 97 -0.98 3.63 7.97
CA ILE C 97 -1.75 4.79 7.47
C ILE C 97 -1.92 4.63 5.96
N PRO C 98 -3.00 3.96 5.56
CA PRO C 98 -3.27 3.66 4.16
C PRO C 98 -4.39 4.49 3.55
N ARG C 99 -4.36 4.63 2.24
CA ARG C 99 -5.42 5.29 1.51
C ARG C 99 -5.42 4.81 0.06
N ILE C 100 -6.60 4.80 -0.54
CA ILE C 100 -6.77 4.50 -1.96
C ILE C 100 -7.09 5.84 -2.62
N ASP C 101 -6.33 6.17 -3.68
CA ASP C 101 -6.41 7.46 -4.35
C ASP C 101 -6.95 7.40 -5.79
N ARG C 102 -7.28 6.20 -6.27
CA ARG C 102 -7.79 6.00 -7.62
C ARG C 102 -8.44 4.63 -7.72
N GLY C 103 -9.52 4.56 -8.50
CA GLY C 103 -10.11 3.30 -8.94
C GLY C 103 -11.40 2.85 -8.27
N PHE C 104 -11.83 3.54 -7.22
CA PHE C 104 -13.00 3.14 -6.44
C PHE C 104 -13.97 4.28 -6.17
N ASP C 105 -15.24 4.03 -6.48
CA ASP C 105 -16.32 4.97 -6.32
C ASP C 105 -17.31 4.49 -5.25
N HIS C 106 -17.83 5.42 -4.47
CA HIS C 106 -18.88 5.13 -3.50
C HIS C 106 -20.17 5.35 -4.26
N ILE C 107 -20.81 4.24 -4.66
CA ILE C 107 -22.07 4.25 -5.40
C ILE C 107 -23.13 3.54 -4.57
N ASP C 108 -24.23 4.25 -4.31
CA ASP C 108 -25.30 3.85 -3.39
C ASP C 108 -24.90 2.74 -2.43
N GLU C 109 -24.11 3.17 -1.46
CA GLU C 109 -23.76 2.39 -0.28
C GLU C 109 -22.74 1.28 -0.53
N GLU C 110 -22.26 1.13 -1.76
CA GLU C 110 -21.19 0.19 -2.05
C GLU C 110 -19.97 0.90 -2.60
N TRP C 111 -18.83 0.25 -2.47
CA TRP C 111 -17.59 0.73 -3.03
C TRP C 111 -17.30 -0.11 -4.26
N VAL C 112 -17.18 0.55 -5.41
CA VAL C 112 -17.16 -0.11 -6.69
C VAL C 112 -15.90 0.21 -7.47
N GLY C 113 -15.22 -0.84 -7.93
CA GLY C 113 -14.13 -0.72 -8.88
C GLY C 113 -14.41 -1.44 -10.19
N TYR C 114 -13.52 -1.23 -11.17
CA TYR C 114 -13.62 -1.82 -12.50
C TYR C 114 -12.39 -2.68 -12.74
N LYS C 115 -12.63 -3.94 -13.12
CA LYS C 115 -11.60 -4.90 -13.45
C LYS C 115 -10.56 -4.33 -14.43
N ARG C 116 -11.03 -3.63 -15.47
CA ARG C 116 -10.16 -3.15 -16.54
C ARG C 116 -9.33 -1.91 -16.15
N ASN C 117 -9.65 -1.28 -15.03
CA ASN C 117 -9.08 0.03 -14.72
C ASN C 117 -8.08 -0.02 -13.57
N TYR C 118 -7.22 0.99 -13.53
CA TYR C 118 -6.19 1.13 -12.52
C TYR C 118 -6.78 1.58 -11.21
N PHE C 119 -6.28 1.01 -10.12
CA PHE C 119 -6.38 1.62 -8.82
C PHE C 119 -5.02 1.93 -8.24
N THR C 120 -5.02 2.85 -7.29
CA THR C 120 -3.84 3.28 -6.55
C THR C 120 -4.11 3.09 -5.08
N LEU C 121 -3.19 2.41 -4.41
CA LEU C 121 -3.20 2.22 -2.98
C LEU C 121 -1.86 2.68 -2.45
N VAL C 122 -1.89 3.65 -1.55
CA VAL C 122 -0.68 4.14 -0.88
C VAL C 122 -0.72 3.87 0.62
N SER C 123 0.45 3.68 1.24
CA SER C 123 0.50 3.53 2.69
C SER C 123 1.84 3.93 3.28
N THR C 124 1.78 4.52 4.46
CA THR C 124 2.96 4.68 5.31
C THR C 124 2.65 3.91 6.59
N PHE C 125 3.57 4.00 7.54
CA PHE C 125 3.25 3.66 8.92
C PHE C 125 3.84 4.70 9.84
N GLU C 126 3.29 4.79 11.05
CA GLU C 126 3.87 5.67 12.04
C GLU C 126 4.14 4.92 13.36
N THR C 127 5.07 5.49 14.12
CA THR C 127 5.43 5.01 15.44
C THR C 127 5.14 6.14 16.40
N ALA C 128 4.00 6.06 17.07
CA ALA C 128 3.48 7.18 17.85
C ALA C 128 4.47 7.65 18.91
N ASN C 129 5.25 6.71 19.44
CA ASN C 129 6.09 6.97 20.60
C ASN C 129 7.59 7.07 20.28
N CYS C 130 7.93 7.28 19.01
CA CYS C 130 9.32 7.37 18.57
C CYS C 130 9.45 8.29 17.37
N ASP C 131 10.25 9.34 17.49
CA ASP C 131 10.52 10.19 16.32
C ASP C 131 11.44 9.43 15.37
N LEU C 132 11.35 9.76 14.08
CA LEU C 132 12.05 9.04 13.03
C LEU C 132 13.56 9.00 13.25
N ASP C 133 14.12 10.12 13.63
CA ASP C 133 15.57 10.25 13.71
C ASP C 133 16.13 9.30 14.79
N THR C 134 15.42 9.17 15.90
CA THR C 134 15.78 8.23 16.96
C THR C 134 15.59 6.78 16.55
N PHE C 135 14.44 6.52 15.95
CA PHE C 135 14.03 5.22 15.43
C PHE C 135 15.11 4.62 14.53
N LEU C 136 15.66 5.42 13.62
CA LEU C 136 16.64 4.92 12.66
C LEU C 136 17.99 4.59 13.31
N LYS C 137 18.26 5.23 14.44
CA LYS C 137 19.50 5.02 15.17
C LYS C 137 19.45 3.86 16.18
N SER C 138 18.26 3.41 16.54
CA SER C 138 18.12 2.34 17.53
C SER C 138 17.96 0.99 16.83
N SER C 139 17.69 -0.04 17.62
CA SER C 139 17.51 -1.38 17.10
C SER C 139 16.35 -2.04 17.82
N PHE C 140 15.67 -2.95 17.13
CA PHE C 140 14.39 -3.46 17.57
C PHE C 140 14.36 -4.97 17.45
N ASP C 141 13.69 -5.61 18.40
CA ASP C 141 13.51 -7.05 18.41
C ASP C 141 12.02 -7.38 18.44
N LEU C 142 11.68 -8.52 17.88
CA LEU C 142 10.37 -9.12 18.03
C LEU C 142 10.25 -9.82 19.37
N LEU C 143 9.14 -9.62 20.05
CA LEU C 143 8.85 -10.33 21.30
C LEU C 143 7.96 -11.51 20.96
N VAL C 144 8.55 -12.67 20.74
CA VAL C 144 7.78 -13.86 20.38
C VAL C 144 7.28 -14.64 21.59
N GLY C 151 13.81 -15.53 23.38
CA GLY C 151 12.84 -15.41 22.30
C GLY C 151 12.78 -13.99 21.76
N ARG C 152 13.87 -13.54 21.16
CA ARG C 152 13.97 -12.21 20.56
C ARG C 152 14.72 -12.24 19.23
N LEU C 153 14.01 -11.98 18.15
CA LEU C 153 14.57 -11.98 16.83
C LEU C 153 14.84 -10.53 16.44
N ARG C 154 16.05 -10.25 15.99
CA ARG C 154 16.41 -8.90 15.55
C ARG C 154 15.63 -8.48 14.29
N VAL C 155 14.99 -7.32 14.35
CA VAL C 155 14.37 -6.75 13.14
C VAL C 155 15.44 -6.15 12.23
N GLN C 156 15.49 -6.64 10.99
CA GLN C 156 16.39 -6.07 9.99
C GLN C 156 15.81 -4.79 9.42
N TYR C 157 14.54 -4.84 9.09
CA TYR C 157 13.83 -3.69 8.57
C TYR C 157 12.33 -3.90 8.59
N PHE C 158 11.58 -2.79 8.48
CA PHE C 158 10.13 -2.83 8.37
C PHE C 158 9.70 -2.72 6.93
N ALA C 159 8.57 -3.34 6.60
CA ALA C 159 8.08 -3.36 5.23
C ALA C 159 6.57 -3.53 5.19
N ILE C 160 6.00 -3.15 4.06
CA ILE C 160 4.58 -3.34 3.80
C ILE C 160 4.40 -4.24 2.60
N LYS C 161 3.34 -5.04 2.65
CA LYS C 161 2.85 -5.69 1.45
C LYS C 161 1.35 -5.53 1.38
N ILE C 162 0.81 -5.64 0.17
CA ILE C 162 -0.64 -5.62 -0.01
C ILE C 162 -1.13 -6.95 -0.55
N LYS C 163 -2.40 -7.23 -0.31
CA LYS C 163 -3.06 -8.44 -0.80
C LYS C 163 -4.48 -8.08 -1.13
N ALA C 164 -5.06 -8.81 -2.08
CA ALA C 164 -6.50 -8.79 -2.30
C ALA C 164 -7.06 -10.13 -1.84
N LYS C 165 -8.26 -10.09 -1.28
CA LYS C 165 -8.95 -11.27 -0.80
C LYS C 165 -10.41 -11.25 -1.20
N ASN C 166 -10.99 -12.43 -1.29
CA ASN C 166 -12.43 -12.60 -1.29
C ASN C 166 -12.83 -12.42 0.16
N ASP C 167 -13.62 -11.38 0.42
CA ASP C 167 -13.94 -10.98 1.78
C ASP C 167 -14.88 -11.96 2.47
N ASP C 168 -15.61 -12.77 1.70
CA ASP C 168 -16.54 -13.76 2.26
C ASP C 168 -15.86 -15.06 2.71
N ASP C 169 -14.76 -15.46 2.09
CA ASP C 169 -14.12 -16.74 2.44
C ASP C 169 -12.62 -16.67 2.70
N ASP C 170 -12.06 -15.47 2.66
CA ASP C 170 -10.65 -15.24 2.93
C ASP C 170 -9.68 -15.80 1.89
N THR C 171 -10.18 -16.21 0.72
CA THR C 171 -9.32 -16.72 -0.34
C THR C 171 -8.51 -15.58 -0.94
N GLU C 172 -7.22 -15.80 -1.18
CA GLU C 172 -6.41 -14.75 -1.82
C GLU C 172 -6.62 -14.69 -3.34
N ILE C 173 -6.70 -13.45 -3.80
CA ILE C 173 -6.88 -13.05 -5.19
C ILE C 173 -5.64 -12.29 -5.67
N ASN C 174 -5.17 -12.69 -6.84
CA ASN C 174 -3.97 -12.14 -7.44
C ASN C 174 -4.20 -10.71 -7.88
N LEU C 175 -3.18 -9.88 -7.68
CA LEU C 175 -3.12 -8.52 -8.18
C LEU C 175 -1.96 -8.42 -9.16
N VAL C 176 -2.10 -7.50 -10.11
CA VAL C 176 -1.10 -7.25 -11.13
C VAL C 176 -0.87 -5.75 -11.23
N GLN C 177 0.34 -5.36 -11.57
CA GLN C 177 0.67 -3.96 -11.79
C GLN C 177 1.33 -3.83 -13.15
N HIS C 178 1.13 -2.68 -13.78
CA HIS C 178 1.87 -2.32 -14.96
C HIS C 178 2.72 -1.08 -14.69
N THR C 179 3.63 -0.81 -15.62
CA THR C 179 4.26 0.49 -15.71
C THR C 179 3.34 1.40 -16.52
N ALA C 180 3.73 2.66 -16.65
CA ALA C 180 2.98 3.62 -17.43
C ALA C 180 2.85 3.19 -18.89
N LYS C 181 3.83 2.43 -19.38
CA LYS C 181 3.79 1.94 -20.76
C LYS C 181 2.75 0.83 -20.95
N ARG C 182 2.31 0.24 -19.84
CA ARG C 182 1.23 -0.74 -19.83
C ARG C 182 1.59 -1.99 -20.68
N ASP C 183 0.96 -2.19 -21.84
CA ASP C 183 1.21 -3.37 -22.69
C ASP C 183 2.59 -3.34 -23.35
N LYS C 184 3.15 -2.14 -23.50
CA LYS C 184 4.48 -1.95 -24.06
C LYS C 184 5.59 -2.09 -23.02
N GLY C 185 5.23 -2.48 -21.81
CA GLY C 185 6.19 -2.70 -20.73
C GLY C 185 5.82 -3.94 -19.92
N PRO C 186 6.60 -4.24 -18.88
CA PRO C 186 6.37 -5.46 -18.09
C PRO C 186 5.14 -5.39 -17.20
N GLN C 187 4.52 -6.54 -16.93
CA GLN C 187 3.58 -6.66 -15.82
C GLN C 187 4.22 -7.44 -14.68
N PHE C 188 3.90 -7.02 -13.45
CA PHE C 188 4.50 -7.58 -12.25
C PHE C 188 3.48 -7.65 -11.12
N CYS C 189 3.76 -8.47 -10.12
CA CYS C 189 2.83 -8.58 -8.98
C CYS C 189 3.34 -7.59 -7.91
N PRO C 190 2.47 -7.00 -7.09
CA PRO C 190 2.95 -6.07 -6.06
C PRO C 190 4.08 -6.69 -5.21
N SER C 191 5.12 -5.91 -4.95
CA SER C 191 6.24 -6.38 -4.15
C SER C 191 6.22 -5.83 -2.72
N VAL C 192 6.96 -6.49 -1.85
CA VAL C 192 7.14 -6.05 -0.48
C VAL C 192 7.96 -4.78 -0.55
N CYS C 193 7.57 -3.77 0.20
CA CYS C 193 8.20 -2.47 0.11
C CYS C 193 8.84 -2.12 1.44
N PRO C 194 10.17 -2.18 1.52
CA PRO C 194 10.84 -1.67 2.73
C PRO C 194 10.46 -0.22 2.94
N LEU C 195 10.21 0.15 4.18
CA LEU C 195 9.75 1.49 4.48
C LEU C 195 10.18 1.95 5.87
N VAL C 196 10.43 3.25 5.97
CA VAL C 196 10.58 3.94 7.25
C VAL C 196 9.34 4.76 7.57
N PRO C 197 9.07 5.00 8.85
CA PRO C 197 7.86 5.73 9.27
C PRO C 197 7.77 7.16 8.71
N SER C 198 6.56 7.57 8.30
CA SER C 198 6.39 8.87 7.67
C SER C 198 4.91 9.23 7.64
N PRO C 199 4.57 10.52 7.65
CA PRO C 199 3.17 10.89 7.43
C PRO C 199 2.75 10.48 6.01
N LEU C 200 1.48 10.16 5.84
CA LEU C 200 0.96 9.86 4.52
C LEU C 200 0.74 11.17 3.76
N PRO C 201 1.32 11.28 2.56
CA PRO C 201 1.09 12.50 1.76
C PRO C 201 -0.39 12.67 1.44
N LYS C 202 -0.78 13.93 1.31
CA LYS C 202 -2.13 14.27 0.94
C LYS C 202 -2.50 13.67 -0.41
N HIS C 203 -3.79 13.52 -0.63
CA HIS C 203 -4.32 13.05 -1.89
C HIS C 203 -3.75 13.88 -3.04
N GLN C 204 -3.70 15.21 -2.89
CA GLN C 204 -3.25 16.08 -3.97
C GLN C 204 -1.82 15.77 -4.34
N THR C 205 -1.00 15.45 -3.34
CA THR C 205 0.40 15.17 -3.58
C THR C 205 0.55 13.87 -4.39
N ILE C 206 -0.22 12.84 -4.03
CA ILE C 206 -0.17 11.55 -4.76
C ILE C 206 -0.57 11.78 -6.22
N ARG C 207 -1.66 12.52 -6.41
CA ARG C 207 -2.09 13.03 -7.72
C ARG C 207 -0.97 13.67 -8.56
N GLU C 208 -0.29 14.66 -7.97
CA GLU C 208 0.71 15.47 -8.67
C GLU C 208 1.93 14.65 -9.05
N ALA C 209 2.26 13.68 -8.22
CA ALA C 209 3.44 12.85 -8.40
C ALA C 209 3.20 11.61 -9.30
N SER C 210 1.99 11.46 -9.83
CA SER C 210 1.61 10.19 -10.48
C SER C 210 2.31 9.91 -11.81
N ASN C 211 2.60 10.96 -12.58
CA ASN C 211 3.20 10.81 -13.92
C ASN C 211 4.24 11.89 -14.23
N VAL C 212 5.19 12.04 -13.31
CA VAL C 212 6.28 13.00 -13.39
C VAL C 212 7.47 12.38 -14.11
N ARG C 213 7.97 13.06 -15.13
CA ARG C 213 9.20 12.67 -15.83
C ARG C 213 10.32 13.68 -15.59
N ASN C 214 10.02 14.94 -15.85
CA ASN C 214 10.95 16.06 -15.69
C ASN C 214 11.80 16.02 -14.41
N ILE C 215 13.11 16.20 -14.57
CA ILE C 215 14.06 15.99 -13.47
C ILE C 215 13.83 16.98 -12.34
N THR C 216 13.50 18.22 -12.68
CA THR C 216 13.30 19.26 -11.68
C THR C 216 12.14 18.94 -10.74
N LYS C 217 11.05 18.47 -11.32
CA LYS C 217 9.86 18.10 -10.56
C LYS C 217 10.13 16.85 -9.73
N MET C 218 10.90 15.90 -10.28
CA MET C 218 11.31 14.72 -9.53
C MET C 218 12.02 15.13 -8.23
N LYS C 219 12.94 16.09 -8.35
CA LYS C 219 13.72 16.59 -7.22
C LYS C 219 12.82 17.22 -6.16
N LYS C 220 11.77 17.91 -6.62
CA LYS C 220 10.79 18.52 -5.74
C LYS C 220 10.14 17.51 -4.81
N TYR C 221 9.91 16.31 -5.33
CA TYR C 221 9.16 15.27 -4.62
C TYR C 221 10.05 14.24 -3.95
N ASP C 222 11.36 14.29 -4.21
CA ASP C 222 12.25 13.23 -3.74
C ASP C 222 12.14 13.03 -2.23
N SER C 223 12.19 14.12 -1.46
CA SER C 223 12.27 14.03 0.00
C SER C 223 10.97 13.51 0.62
N THR C 224 9.88 13.62 -0.13
CA THR C 224 8.59 13.10 0.31
C THR C 224 8.53 11.59 0.22
N PHE C 225 9.11 11.02 -0.83
CA PHE C 225 8.96 9.59 -1.10
C PHE C 225 10.15 8.71 -0.74
N TYR C 226 11.33 9.30 -0.57
CA TYR C 226 12.57 8.54 -0.37
C TYR C 226 13.47 9.10 0.72
N LEU C 227 14.13 8.19 1.45
CA LEU C 227 15.26 8.53 2.30
C LEU C 227 16.49 7.91 1.65
N HIS C 228 17.51 8.71 1.37
CA HIS C 228 18.73 8.20 0.76
C HIS C 228 19.78 8.00 1.83
N ARG C 229 19.90 6.76 2.27
CA ARG C 229 20.81 6.40 3.35
C ARG C 229 22.25 6.78 3.03
N ASP C 230 22.65 6.65 1.76
CA ASP C 230 23.98 7.08 1.34
C ASP C 230 24.26 8.58 1.53
N HIS C 231 23.25 9.38 1.85
CA HIS C 231 23.47 10.80 2.09
C HIS C 231 23.50 11.20 3.58
N VAL C 232 23.29 10.27 4.50
CA VAL C 232 23.38 10.59 5.93
C VAL C 232 24.85 10.62 6.38
N ASN C 233 25.10 11.23 7.55
CA ASN C 233 26.40 11.16 8.16
C ASN C 233 26.54 9.79 8.85
N TYR C 234 27.33 8.91 8.24
CA TYR C 234 27.54 7.55 8.72
C TYR C 234 28.11 7.46 10.13
N GLU C 235 28.88 8.47 10.51
CA GLU C 235 29.44 8.52 11.84
C GLU C 235 28.45 8.67 12.96
N GLU C 236 27.24 9.12 12.65
CA GLU C 236 26.19 9.25 13.65
C GLU C 236 25.54 7.93 14.02
N TYR C 237 25.86 6.86 13.30
CA TYR C 237 25.14 5.59 13.40
C TYR C 237 26.02 4.44 13.85
N GLY C 238 25.52 3.64 14.78
CA GLY C 238 26.16 2.40 15.17
C GLY C 238 25.94 1.35 14.09
N VAL C 239 26.87 0.40 14.01
CA VAL C 239 26.80 -0.69 13.03
C VAL C 239 25.50 -1.48 13.11
N ASP C 240 24.98 -1.58 14.34
CA ASP C 240 23.75 -2.32 14.63
C ASP C 240 22.48 -1.52 14.35
N SER C 241 22.61 -0.26 13.92
CA SER C 241 21.43 0.59 13.80
C SER C 241 20.48 0.06 12.71
N LEU C 242 19.19 0.26 12.96
CA LEU C 242 18.13 -0.18 12.08
C LEU C 242 18.33 0.35 10.67
N LEU C 243 18.72 1.61 10.56
CA LEU C 243 18.86 2.24 9.25
C LEU C 243 19.81 1.40 8.40
N PHE C 244 20.87 0.90 9.02
CA PHE C 244 21.89 0.21 8.25
C PHE C 244 21.65 -1.28 8.05
N SER C 245 20.51 -1.78 8.52
CA SER C 245 20.10 -3.15 8.14
C SER C 245 18.98 -3.17 7.10
N TYR C 246 18.60 -1.99 6.58
CA TYR C 246 17.73 -1.92 5.40
C TYR C 246 18.52 -2.49 4.20
N PRO C 247 17.83 -3.15 3.27
CA PRO C 247 18.51 -3.85 2.17
C PRO C 247 19.17 -2.92 1.12
N GLU C 248 18.65 -1.72 0.91
CA GLU C 248 19.18 -0.81 -0.11
C GLU C 248 19.32 0.61 0.45
N ASP C 249 20.22 1.39 -0.16
CA ASP C 249 20.41 2.79 0.21
C ASP C 249 19.16 3.65 -0.01
N SER C 250 18.47 3.44 -1.13
CA SER C 250 17.26 4.19 -1.39
C SER C 250 16.09 3.51 -0.67
N ILE C 251 15.59 4.17 0.36
CA ILE C 251 14.53 3.60 1.19
C ILE C 251 13.28 4.43 1.00
N GLN C 252 12.17 3.78 0.68
CA GLN C 252 10.91 4.51 0.50
C GLN C 252 10.33 4.94 1.85
N LYS C 253 9.72 6.12 1.87
CA LYS C 253 8.97 6.65 2.99
C LYS C 253 7.49 6.34 2.82
N VAL C 254 7.09 6.01 1.59
CA VAL C 254 5.71 5.74 1.23
C VAL C 254 5.66 4.57 0.27
N ALA C 255 4.86 3.57 0.61
CA ALA C 255 4.56 2.50 -0.32
C ALA C 255 3.48 3.01 -1.27
N ARG C 256 3.81 3.12 -2.55
CA ARG C 256 2.88 3.59 -3.57
C ARG C 256 2.67 2.49 -4.58
N TYR C 257 1.51 1.86 -4.54
CA TYR C 257 1.14 0.87 -5.53
C TYR C 257 0.19 1.54 -6.51
N GLU C 258 0.71 1.86 -7.69
CA GLU C 258 -0.04 2.53 -8.73
C GLU C 258 -0.19 1.59 -9.92
N ARG C 259 -1.21 1.86 -10.75
CA ARG C 259 -1.51 1.06 -11.90
C ARG C 259 -1.75 -0.41 -11.52
N VAL C 260 -2.47 -0.60 -10.42
CA VAL C 260 -2.81 -1.92 -9.92
C VAL C 260 -4.17 -2.34 -10.48
N GLN C 261 -4.29 -3.62 -10.79
CA GLN C 261 -5.55 -4.23 -11.15
C GLN C 261 -5.69 -5.60 -10.48
N PHE C 262 -6.93 -6.04 -10.29
CA PHE C 262 -7.17 -7.45 -10.03
C PHE C 262 -6.78 -8.25 -11.29
N ALA C 263 -6.28 -9.46 -11.08
CA ALA C 263 -5.86 -10.30 -12.20
C ALA C 263 -7.02 -10.44 -13.17
N SER C 264 -6.70 -10.56 -14.45
CA SER C 264 -7.70 -10.50 -15.51
C SER C 264 -8.60 -11.73 -15.47
N SER C 265 -8.16 -12.75 -14.76
CA SER C 265 -8.89 -13.99 -14.64
C SER C 265 -9.91 -14.01 -13.50
N ILE C 266 -9.98 -12.97 -12.67
CA ILE C 266 -10.89 -13.06 -11.53
C ILE C 266 -12.33 -13.07 -12.02
N SER C 267 -13.13 -13.95 -11.43
CA SER C 267 -14.55 -13.93 -11.67
C SER C 267 -15.14 -12.96 -10.66
N VAL C 268 -15.96 -12.02 -11.11
CA VAL C 268 -16.46 -10.95 -10.24
C VAL C 268 -17.86 -11.21 -9.67
N LYS C 269 -18.52 -12.26 -10.14
CA LYS C 269 -19.84 -12.63 -9.65
C LYS C 269 -19.81 -14.05 -9.11
N LYS C 270 -20.67 -14.30 -8.11
CA LYS C 270 -20.89 -15.64 -7.60
C LYS C 270 -21.80 -16.39 -8.56
N PRO C 271 -21.83 -17.72 -8.47
CA PRO C 271 -22.75 -18.54 -9.27
C PRO C 271 -24.23 -18.08 -9.27
N SER C 272 -24.68 -17.54 -8.15
CA SER C 272 -26.03 -16.99 -8.02
C SER C 272 -26.24 -15.66 -8.80
N GLN C 273 -25.16 -15.12 -9.37
CA GLN C 273 -25.10 -13.82 -10.03
C GLN C 273 -25.06 -12.62 -9.05
N GLN C 274 -25.08 -12.88 -7.74
CA GLN C 274 -24.72 -11.85 -6.77
C GLN C 274 -23.26 -11.43 -7.01
N ASN C 275 -22.93 -10.21 -6.63
CA ASN C 275 -21.57 -9.73 -6.75
C ASN C 275 -20.71 -10.40 -5.70
N LYS C 276 -19.50 -10.78 -6.09
CA LYS C 276 -18.50 -11.18 -5.11
C LYS C 276 -18.13 -9.94 -4.30
N HIS C 277 -17.69 -10.17 -3.08
CA HIS C 277 -17.17 -9.13 -2.22
C HIS C 277 -15.67 -9.35 -2.06
N PHE C 278 -14.89 -8.36 -2.47
CA PHE C 278 -13.45 -8.36 -2.33
C PHE C 278 -13.01 -7.37 -1.25
N SER C 279 -11.77 -7.46 -0.82
CA SER C 279 -11.21 -6.51 0.13
C SER C 279 -9.70 -6.40 -0.09
N LEU C 280 -9.19 -5.17 -0.01
CA LEU C 280 -7.78 -4.91 -0.13
C LEU C 280 -7.18 -4.82 1.25
N HIS C 281 -6.09 -5.57 1.47
CA HIS C 281 -5.41 -5.66 2.75
C HIS C 281 -4.01 -5.02 2.66
N VAL C 282 -3.64 -4.33 3.72
CA VAL C 282 -2.29 -3.79 3.89
C VAL C 282 -1.72 -4.44 5.15
N ILE C 283 -0.52 -4.99 5.04
CA ILE C 283 0.15 -5.66 6.15
C ILE C 283 1.51 -5.02 6.40
N LEU C 284 1.74 -4.63 7.66
CA LEU C 284 3.03 -4.16 8.09
C LEU C 284 3.75 -5.34 8.73
N GLY C 285 4.99 -5.53 8.31
CA GLY C 285 5.82 -6.62 8.78
C GLY C 285 7.22 -6.19 9.17
N ALA C 286 7.88 -7.04 9.96
CA ALA C 286 9.30 -6.92 10.25
C ALA C 286 10.02 -8.06 9.56
N VAL C 287 11.05 -7.74 8.78
CA VAL C 287 11.86 -8.76 8.13
C VAL C 287 13.00 -9.17 9.04
N VAL C 288 13.12 -10.47 9.26
CA VAL C 288 14.13 -11.05 10.14
C VAL C 288 14.87 -12.19 9.45
N ASP C 289 16.10 -12.43 9.93
CA ASP C 289 16.87 -13.62 9.57
C ASP C 289 16.41 -14.83 10.38
N PRO C 290 15.85 -15.84 9.72
CA PRO C 290 15.20 -16.96 10.41
C PRO C 290 16.13 -18.04 10.97
N ASP C 291 17.41 -17.73 11.21
CA ASP C 291 18.33 -18.68 11.81
C ASP C 291 17.96 -18.97 13.27
N GLY C 299 5.79 -19.97 15.71
CA GLY C 299 4.40 -20.36 15.54
C GLY C 299 3.47 -19.17 15.39
N ILE C 300 4.01 -18.08 14.84
CA ILE C 300 3.25 -16.84 14.61
C ILE C 300 3.22 -16.46 13.12
N PRO C 301 2.22 -15.69 12.70
CA PRO C 301 2.03 -15.42 11.27
C PRO C 301 3.21 -14.74 10.57
N TYR C 302 3.59 -15.27 9.42
CA TYR C 302 4.71 -14.76 8.63
C TYR C 302 4.61 -15.32 7.21
N ASP C 303 5.18 -14.59 6.26
CA ASP C 303 5.41 -15.09 4.91
C ASP C 303 6.91 -15.19 4.70
N GLU C 304 7.35 -16.18 3.93
CA GLU C 304 8.73 -16.22 3.52
C GLU C 304 9.03 -15.08 2.57
N LEU C 305 10.27 -14.62 2.57
CA LEU C 305 10.72 -13.53 1.71
C LEU C 305 12.12 -13.84 1.19
N ALA C 306 12.33 -13.65 -0.11
CA ALA C 306 13.64 -13.88 -0.70
C ALA C 306 14.55 -12.71 -0.35
N LEU C 307 15.46 -12.94 0.59
CA LEU C 307 16.35 -11.89 1.10
C LEU C 307 17.33 -11.37 0.05
N LYS C 308 18.02 -10.28 0.41
CA LYS C 308 18.98 -9.64 -0.50
C LYS C 308 20.17 -10.55 -0.75
N ASN C 309 20.76 -11.06 0.34
CA ASN C 309 21.91 -11.98 0.26
C ASN C 309 21.59 -13.37 -0.32
N GLY C 310 20.31 -13.66 -0.55
CA GLY C 310 19.89 -14.92 -1.17
C GLY C 310 19.16 -15.82 -0.19
N SER C 311 19.64 -15.84 1.05
CA SER C 311 19.09 -16.68 2.13
C SER C 311 17.57 -16.54 2.33
N LYS C 312 16.96 -17.56 2.94
CA LYS C 312 15.53 -17.55 3.24
C LYS C 312 15.25 -16.64 4.42
N GLY C 313 14.41 -15.64 4.22
CA GLY C 313 14.03 -14.68 5.25
C GLY C 313 12.58 -14.85 5.67
N MET C 314 12.16 -14.02 6.63
CA MET C 314 10.80 -14.08 7.16
C MET C 314 10.22 -12.67 7.28
N PHE C 315 9.09 -12.46 6.63
CA PHE C 315 8.29 -11.26 6.80
C PHE C 315 7.29 -11.57 7.92
N VAL C 316 7.61 -11.15 9.13
CA VAL C 316 6.78 -11.42 10.30
C VAL C 316 5.71 -10.35 10.46
N TYR C 317 4.45 -10.76 10.52
CA TYR C 317 3.33 -9.81 10.54
C TYR C 317 3.34 -9.04 11.86
N LEU C 318 3.13 -7.73 11.76
CA LEU C 318 2.99 -6.85 12.91
C LEU C 318 1.55 -6.30 13.04
N GLN C 319 0.99 -5.85 11.92
CA GLN C 319 -0.35 -5.27 11.91
C GLN C 319 -0.94 -5.42 10.53
N GLU C 320 -2.26 -5.54 10.46
CA GLU C 320 -2.96 -5.69 9.21
C GLU C 320 -4.25 -4.85 9.25
N MET C 321 -4.50 -4.13 8.15
CA MET C 321 -5.74 -3.39 7.93
C MET C 321 -6.38 -3.87 6.62
N LYS C 322 -7.67 -3.59 6.45
CA LYS C 322 -8.40 -4.00 5.25
C LYS C 322 -9.52 -3.02 4.94
N THR C 323 -10.00 -3.03 3.70
CA THR C 323 -11.16 -2.23 3.32
C THR C 323 -12.41 -2.99 3.68
N PRO C 324 -13.52 -2.29 3.77
CA PRO C 324 -14.83 -2.94 3.74
C PRO C 324 -15.03 -3.64 2.40
N PRO C 325 -16.12 -4.39 2.26
CA PRO C 325 -16.36 -5.13 1.02
C PRO C 325 -16.34 -4.24 -0.21
N LEU C 326 -15.76 -4.75 -1.30
CA LEU C 326 -15.65 -4.04 -2.57
C LEU C 326 -16.31 -4.87 -3.65
N ILE C 327 -17.02 -4.19 -4.54
CA ILE C 327 -17.61 -4.79 -5.73
C ILE C 327 -16.67 -4.46 -6.88
N ILE C 328 -16.40 -5.43 -7.73
CA ILE C 328 -15.63 -5.18 -8.93
C ILE C 328 -16.47 -5.47 -10.16
N ARG C 329 -16.54 -4.51 -11.07
CA ARG C 329 -17.32 -4.70 -12.28
C ARG C 329 -16.45 -5.24 -13.40
N GLY C 330 -16.95 -6.31 -14.00
CA GLY C 330 -16.23 -6.99 -15.05
C GLY C 330 -16.39 -6.30 -16.38
N ARG C 331 -16.02 -7.03 -17.43
CA ARG C 331 -15.91 -6.45 -18.76
C ARG C 331 -17.23 -6.40 -19.50
N SER C 332 -18.29 -6.94 -18.90
CA SER C 332 -19.64 -6.92 -19.50
C SER C 332 -19.94 -5.53 -20.09
N PRO C 333 -20.59 -5.48 -21.25
CA PRO C 333 -20.88 -4.20 -21.91
C PRO C 333 -21.92 -3.40 -21.13
N SER C 334 -22.73 -4.09 -20.34
CA SER C 334 -23.71 -3.45 -19.45
C SER C 334 -23.10 -2.79 -18.20
N ASN C 335 -21.77 -2.86 -18.04
CA ASN C 335 -21.07 -2.09 -17.02
C ASN C 335 -20.60 -0.74 -17.54
N TYR C 336 -20.96 -0.42 -18.78
CA TYR C 336 -20.46 0.77 -19.43
C TYR C 336 -21.58 1.62 -20.04
N ALA C 337 -21.41 2.94 -19.98
CA ALA C 337 -22.41 3.88 -20.48
C ALA C 337 -22.63 3.72 -21.99
N SER C 338 -21.64 3.16 -22.68
CA SER C 338 -21.71 2.96 -24.12
C SER C 338 -22.84 2.02 -24.56
N SER C 339 -23.19 1.05 -23.71
CA SER C 339 -24.29 0.12 -24.01
C SER C 339 -25.68 0.78 -24.07
N GLN C 340 -25.82 1.97 -23.49
CA GLN C 340 -27.11 2.66 -23.42
C GLN C 340 -27.36 3.56 -24.63
#